data_4U0Y
#
_entry.id   4U0Y
#
_cell.length_a   48.554
_cell.length_b   48.554
_cell.length_c   153.941
_cell.angle_alpha   90.000
_cell.angle_beta   90.000
_cell.angle_gamma   120.000
#
_symmetry.space_group_name_H-M   'P 31'
#
loop_
_entity.id
_entity.type
_entity.pdbx_description
1 polymer 'HTH-type transcriptional repressor YvoA'
2 polymer "DNA (5'-D(P*GP*TP*GP*GP*TP*CP*TP*AP*GP*AP*CP*CP*AP*CP*T)-3')"
3 non-polymer 'CHLORIDE ION'
4 water water
#
loop_
_entity_poly.entity_id
_entity_poly.type
_entity_poly.pdbx_seq_one_letter_code
_entity_poly.pdbx_strand_id
1 'polypeptide(L)' GSHMNINKQSPIPIYYQIMEQLKTQIKNGELQPDMPLPSEREYAEQFGISRMTVRQALSNLVNEGLLYRLKGRGTFVS A,B,C,D
2 'polydeoxyribonucleotide' (DG)(DT)(DG)(DG)(DT)(DC)(DT)(DA)(DG)(DA)(DC)(DC)(DA)(DC)(DT) E,F
#
loop_
_chem_comp.id
_chem_comp.type
_chem_comp.name
_chem_comp.formula
CL non-polymer 'CHLORIDE ION' 'Cl -1'
DA DNA linking 2'-DEOXYADENOSINE-5'-MONOPHOSPHATE 'C10 H14 N5 O6 P'
DC DNA linking 2'-DEOXYCYTIDINE-5'-MONOPHOSPHATE 'C9 H14 N3 O7 P'
DG DNA linking 2'-DEOXYGUANOSINE-5'-MONOPHOSPHATE 'C10 H14 N5 O7 P'
DT DNA linking THYMIDINE-5'-MONOPHOSPHATE 'C10 H15 N2 O8 P'
#
# COMPACT_ATOMS: atom_id res chain seq x y z
N MET A 4 23.86 -21.26 -1.09
CA MET A 4 23.87 -20.80 0.29
C MET A 4 23.24 -21.80 1.26
N ASN A 5 24.01 -22.24 2.25
CA ASN A 5 23.55 -23.28 3.17
C ASN A 5 23.81 -22.97 4.64
N ILE A 6 22.89 -23.38 5.50
CA ILE A 6 23.09 -23.25 6.94
C ILE A 6 23.05 -24.61 7.62
N ASN A 7 23.60 -24.69 8.82
CA ASN A 7 23.55 -25.89 9.65
C ASN A 7 22.98 -25.56 11.01
N LYS A 8 21.72 -25.91 11.20
CA LYS A 8 20.97 -25.61 12.42
C LYS A 8 21.48 -26.34 13.63
N GLN A 9 22.26 -27.39 13.42
CA GLN A 9 22.69 -28.21 14.53
C GLN A 9 24.11 -27.86 14.95
N SER A 10 24.74 -26.96 14.20
CA SER A 10 26.06 -26.45 14.56
C SER A 10 26.00 -25.54 15.79
N PRO A 11 27.07 -25.56 16.61
CA PRO A 11 27.18 -24.59 17.71
C PRO A 11 27.32 -23.15 17.20
N ILE A 12 27.72 -22.99 15.94
CA ILE A 12 27.82 -21.67 15.34
C ILE A 12 26.42 -21.13 15.10
N PRO A 13 26.09 -19.95 15.65
CA PRO A 13 24.76 -19.36 15.50
C PRO A 13 24.34 -19.22 14.04
N ILE A 14 23.08 -19.53 13.75
CA ILE A 14 22.54 -19.35 12.41
C ILE A 14 22.77 -17.94 11.86
N TYR A 15 22.57 -16.92 12.68
CA TYR A 15 22.65 -15.56 12.13
C TYR A 15 24.07 -15.29 11.63
N TYR A 16 25.05 -15.86 12.34
CA TYR A 16 26.44 -15.74 11.95
C TYR A 16 26.74 -16.51 10.67
N GLN A 17 26.21 -17.73 10.57
CA GLN A 17 26.35 -18.51 9.33
C GLN A 17 25.81 -17.73 8.14
N ILE A 18 24.70 -17.06 8.34
CA ILE A 18 24.10 -16.27 7.26
C ILE A 18 24.98 -15.08 6.91
N MET A 19 25.43 -14.35 7.94
CA MET A 19 26.32 -13.20 7.75
C MET A 19 27.53 -13.55 6.91
N GLU A 20 28.15 -14.69 7.22
CA GLU A 20 29.40 -15.06 6.56
C GLU A 20 29.17 -15.37 5.08
N GLN A 21 28.11 -16.11 4.80
CA GLN A 21 27.80 -16.46 3.43
C GLN A 21 27.41 -15.26 2.59
N LEU A 22 26.69 -14.31 3.20
CA LEU A 22 26.36 -13.06 2.52
C LEU A 22 27.63 -12.27 2.22
N LYS A 23 28.56 -12.28 3.15
CA LYS A 23 29.86 -11.62 2.95
C LYS A 23 30.61 -12.25 1.78
N THR A 24 30.56 -13.57 1.68
CA THR A 24 31.18 -14.27 0.55
C THR A 24 30.49 -13.88 -0.75
N GLN A 25 29.17 -13.99 -0.79
CA GLN A 25 28.40 -13.64 -1.99
C GLN A 25 28.67 -12.23 -2.46
N ILE A 26 28.85 -11.31 -1.52
CA ILE A 26 29.16 -9.92 -1.83
C ILE A 26 30.58 -9.78 -2.39
N LYS A 27 31.52 -10.51 -1.80
CA LYS A 27 32.91 -10.39 -2.22
C LYS A 27 33.10 -10.91 -3.63
N ASN A 28 32.50 -12.06 -3.95
CA ASN A 28 32.68 -12.60 -5.29
C ASN A 28 31.61 -12.10 -6.29
N GLY A 29 30.86 -11.08 -5.90
CA GLY A 29 30.00 -10.37 -6.83
C GLY A 29 28.63 -10.94 -7.14
N GLU A 30 28.23 -12.01 -6.46
CA GLU A 30 26.88 -12.55 -6.63
C GLU A 30 25.83 -11.53 -6.18
N LEU A 31 26.18 -10.70 -5.19
CA LEU A 31 25.34 -9.57 -4.82
C LEU A 31 26.10 -8.28 -5.09
N GLN A 32 25.59 -7.47 -6.00
CA GLN A 32 26.30 -6.26 -6.40
C GLN A 32 25.67 -5.02 -5.79
N PRO A 33 26.45 -3.94 -5.66
CA PRO A 33 26.01 -2.66 -5.08
C PRO A 33 24.67 -2.16 -5.63
N ASP A 34 23.87 -1.60 -4.73
CA ASP A 34 22.54 -1.05 -5.02
C ASP A 34 21.57 -2.02 -5.70
N MET A 35 21.83 -3.31 -5.61
CA MET A 35 20.85 -4.31 -6.02
C MET A 35 20.25 -4.96 -4.76
N PRO A 36 18.96 -5.33 -4.81
CA PRO A 36 18.30 -5.79 -3.58
C PRO A 36 18.62 -7.23 -3.29
N LEU A 37 18.69 -7.57 -2.01
CA LEU A 37 18.81 -8.96 -1.61
C LEU A 37 17.46 -9.64 -1.72
N PRO A 38 17.46 -10.98 -1.69
CA PRO A 38 16.22 -11.71 -1.39
C PRO A 38 15.59 -11.12 -0.11
N SER A 39 14.28 -11.22 0.01
CA SER A 39 13.61 -10.59 1.14
C SER A 39 13.94 -11.37 2.42
N GLU A 40 13.82 -10.69 3.56
CA GLU A 40 13.93 -11.33 4.88
C GLU A 40 13.01 -12.55 4.90
N ARG A 41 11.83 -12.39 4.29
CA ARG A 41 10.86 -13.48 4.17
CA ARG A 41 10.87 -13.50 4.19
C ARG A 41 11.42 -14.68 3.40
N GLU A 42 12.05 -14.41 2.26
CA GLU A 42 12.59 -15.46 1.41
C GLU A 42 13.66 -16.27 2.17
N TYR A 43 14.58 -15.59 2.83
CA TYR A 43 15.61 -16.28 3.62
C TYR A 43 14.98 -17.15 4.70
N ALA A 44 14.02 -16.58 5.44
CA ALA A 44 13.41 -17.27 6.58
C ALA A 44 12.65 -18.51 6.16
N GLU A 45 11.93 -18.40 5.06
CA GLU A 45 11.10 -19.50 4.59
C GLU A 45 11.96 -20.62 4.02
N GLN A 46 13.02 -20.27 3.29
CA GLN A 46 13.81 -21.31 2.64
C GLN A 46 14.68 -22.09 3.63
N PHE A 47 15.14 -21.43 4.70
CA PHE A 47 15.92 -22.13 5.74
C PHE A 47 15.05 -22.67 6.87
N GLY A 48 13.78 -22.28 6.89
CA GLY A 48 12.88 -22.75 7.94
C GLY A 48 13.21 -22.14 9.31
N ILE A 49 13.50 -20.85 9.31
CA ILE A 49 13.86 -20.16 10.54
C ILE A 49 12.98 -18.92 10.72
N SER A 50 13.07 -18.29 11.89
CA SER A 50 12.27 -17.10 12.15
C SER A 50 12.86 -15.90 11.44
N ARG A 51 12.02 -14.94 11.10
CA ARG A 51 12.51 -13.73 10.49
C ARG A 51 13.41 -12.99 11.42
N MET A 52 13.20 -13.13 12.72
CA MET A 52 14.03 -12.38 13.65
C MET A 52 15.47 -12.88 13.56
N THR A 53 15.67 -14.16 13.24
CA THR A 53 17.04 -14.66 13.08
C THR A 53 17.68 -14.07 11.84
N VAL A 54 16.94 -14.01 10.74
CA VAL A 54 17.45 -13.40 9.52
C VAL A 54 17.78 -11.94 9.81
N ARG A 55 16.91 -11.28 10.56
CA ARG A 55 17.10 -9.86 10.81
C ARG A 55 18.37 -9.62 11.63
N GLN A 56 18.71 -10.51 12.55
CA GLN A 56 19.95 -10.30 13.30
C GLN A 56 21.15 -10.26 12.33
N ALA A 57 21.21 -11.18 11.38
CA ALA A 57 22.30 -11.18 10.40
C ALA A 57 22.31 -9.89 9.59
N LEU A 58 21.16 -9.56 9.01
CA LEU A 58 21.05 -8.34 8.19
C LEU A 58 21.35 -7.07 8.97
N SER A 59 20.83 -6.95 10.19
CA SER A 59 21.11 -5.76 11.02
C SER A 59 22.59 -5.61 11.30
N ASN A 60 23.28 -6.72 11.58
CA ASN A 60 24.72 -6.64 11.75
C ASN A 60 25.45 -6.15 10.48
N LEU A 61 25.03 -6.63 9.31
CA LEU A 61 25.68 -6.24 8.06
C LEU A 61 25.40 -4.77 7.73
N VAL A 62 24.23 -4.28 8.12
CA VAL A 62 23.91 -2.85 7.99
C VAL A 62 24.81 -2.04 8.92
N ASN A 63 24.99 -2.54 10.13
CA ASN A 63 25.82 -1.84 11.11
C ASN A 63 27.28 -1.80 10.69
N GLU A 64 27.72 -2.80 9.92
CA GLU A 64 29.10 -2.83 9.46
C GLU A 64 29.29 -2.03 8.17
N GLY A 65 28.19 -1.62 7.55
CA GLY A 65 28.22 -0.72 6.41
C GLY A 65 28.17 -1.43 5.08
N LEU A 66 27.91 -2.73 5.12
CA LEU A 66 27.91 -3.56 3.91
C LEU A 66 26.55 -3.57 3.22
N LEU A 67 25.49 -3.30 3.98
CA LEU A 67 24.12 -3.26 3.46
C LEU A 67 23.43 -1.98 3.88
N TYR A 68 22.40 -1.56 3.14
CA TYR A 68 21.51 -0.52 3.64
C TYR A 68 20.07 -0.95 3.41
N ARG A 69 19.18 -0.36 4.20
CA ARG A 69 17.76 -0.71 4.06
C ARG A 69 16.92 0.51 3.67
N LEU A 70 15.92 0.27 2.83
CA LEU A 70 14.92 1.28 2.53
C LEU A 70 13.55 0.77 2.91
N LYS A 71 12.92 1.43 3.87
CA LYS A 71 11.60 1.03 4.36
C LYS A 71 10.62 0.88 3.20
N GLY A 72 9.88 -0.22 3.21
CA GLY A 72 8.88 -0.49 2.18
C GLY A 72 9.42 -0.93 0.83
N ARG A 73 10.74 -1.00 0.68
CA ARG A 73 11.35 -1.28 -0.65
C ARG A 73 12.25 -2.50 -0.68
N GLY A 74 13.23 -2.54 0.22
CA GLY A 74 14.14 -3.67 0.21
C GLY A 74 15.39 -3.47 1.03
N THR A 75 16.25 -4.47 0.95
CA THR A 75 17.58 -4.45 1.56
C THR A 75 18.60 -4.51 0.42
N PHE A 76 19.58 -3.62 0.45
CA PHE A 76 20.47 -3.41 -0.70
C PHE A 76 21.94 -3.46 -0.31
N VAL A 77 22.78 -3.96 -1.23
CA VAL A 77 24.24 -3.91 -1.04
C VAL A 77 24.74 -2.47 -1.13
N SER A 78 25.49 -2.02 -0.14
CA SER A 78 25.91 -0.61 -0.08
C SER A 78 26.77 -0.19 -1.28
N MET B 4 -14.92 -19.46 1.07
CA MET B 4 -15.19 -18.07 0.72
C MET B 4 -14.79 -17.76 -0.70
N ASN B 5 -15.47 -16.80 -1.31
CA ASN B 5 -15.15 -16.39 -2.67
C ASN B 5 -15.52 -14.93 -2.92
N ILE B 6 -14.52 -14.14 -3.33
CA ILE B 6 -14.79 -12.75 -3.65
C ILE B 6 -14.95 -12.56 -5.16
N ASN B 7 -15.76 -11.58 -5.53
CA ASN B 7 -15.96 -11.21 -6.92
C ASN B 7 -15.26 -9.88 -7.22
N LYS B 8 -14.14 -9.96 -7.93
CA LYS B 8 -13.28 -8.79 -8.17
C LYS B 8 -13.84 -7.79 -9.16
N GLN B 9 -14.86 -8.17 -9.92
CA GLN B 9 -15.43 -7.27 -10.92
C GLN B 9 -16.72 -6.63 -10.41
N SER B 10 -17.04 -6.90 -9.16
CA SER B 10 -18.19 -6.28 -8.52
C SER B 10 -17.82 -4.85 -8.07
N PRO B 11 -18.74 -3.90 -8.27
CA PRO B 11 -18.51 -2.58 -7.67
C PRO B 11 -18.45 -2.62 -6.14
N ILE B 12 -18.94 -3.70 -5.54
CA ILE B 12 -18.83 -3.86 -4.10
C ILE B 12 -17.35 -4.07 -3.72
N PRO B 13 -16.78 -3.19 -2.86
CA PRO B 13 -15.36 -3.28 -2.51
C PRO B 13 -15.01 -4.68 -1.97
N ILE B 14 -13.86 -5.18 -2.41
CA ILE B 14 -13.40 -6.49 -1.98
C ILE B 14 -13.42 -6.60 -0.47
N TYR B 15 -13.00 -5.55 0.22
CA TYR B 15 -12.84 -5.63 1.68
C TYR B 15 -14.19 -5.80 2.34
N TYR B 16 -15.21 -5.22 1.73
CA TYR B 16 -16.55 -5.30 2.26
C TYR B 16 -17.13 -6.68 2.02
N GLN B 17 -16.87 -7.25 0.84
CA GLN B 17 -17.27 -8.63 0.54
C GLN B 17 -16.68 -9.59 1.57
N ILE B 18 -15.42 -9.40 1.90
CA ILE B 18 -14.74 -10.23 2.89
C ILE B 18 -15.40 -10.06 4.24
N MET B 19 -15.65 -8.81 4.62
CA MET B 19 -16.31 -8.49 5.87
C MET B 19 -17.60 -9.27 6.08
N GLU B 20 -18.47 -9.24 5.06
CA GLU B 20 -19.78 -9.88 5.17
C GLU B 20 -19.69 -11.41 5.30
N GLN B 21 -18.79 -12.03 4.53
CA GLN B 21 -18.63 -13.47 4.59
C GLN B 21 -18.06 -13.89 5.94
N LEU B 22 -17.10 -13.13 6.46
CA LEU B 22 -16.57 -13.43 7.78
C LEU B 22 -17.62 -13.24 8.86
N LYS B 23 -18.44 -12.20 8.74
CA LYS B 23 -19.50 -11.95 9.70
C LYS B 23 -20.47 -13.14 9.80
N THR B 24 -20.75 -13.75 8.66
CA THR B 24 -21.60 -14.92 8.61
C THR B 24 -20.97 -16.06 9.42
N GLN B 25 -19.69 -16.34 9.15
CA GLN B 25 -18.98 -17.45 9.81
C GLN B 25 -18.84 -17.22 11.31
N ILE B 26 -18.75 -15.95 11.70
CA ILE B 26 -18.68 -15.61 13.12
C ILE B 26 -20.02 -15.90 13.81
N LYS B 27 -21.12 -15.46 13.20
CA LYS B 27 -22.46 -15.67 13.75
C LYS B 27 -22.91 -17.13 13.66
N ASN B 28 -22.24 -17.90 12.81
CA ASN B 28 -22.44 -19.34 12.59
C ASN B 28 -21.70 -20.27 13.54
N GLY B 29 -20.56 -19.80 14.02
CA GLY B 29 -19.66 -20.68 14.73
C GLY B 29 -18.71 -21.41 13.79
N GLU B 30 -18.79 -21.13 12.49
CA GLU B 30 -17.79 -21.69 11.59
C GLU B 30 -16.40 -21.15 11.95
N LEU B 31 -16.36 -19.94 12.49
CA LEU B 31 -15.17 -19.41 13.14
C LEU B 31 -15.40 -19.39 14.64
N GLN B 32 -14.66 -20.23 15.37
CA GLN B 32 -14.81 -20.37 16.82
C GLN B 32 -14.22 -19.20 17.62
N PRO B 33 -14.92 -18.81 18.71
CA PRO B 33 -14.43 -17.77 19.64
C PRO B 33 -13.05 -18.11 20.20
N ASP B 34 -12.21 -17.11 20.40
CA ASP B 34 -10.87 -17.27 20.95
C ASP B 34 -10.02 -18.30 20.21
N MET B 35 -10.38 -18.58 18.95
CA MET B 35 -9.55 -19.40 18.07
C MET B 35 -9.04 -18.55 16.90
N PRO B 36 -7.81 -18.82 16.45
CA PRO B 36 -7.22 -17.91 15.45
C PRO B 36 -7.85 -18.07 14.08
N LEU B 37 -8.11 -16.94 13.43
CA LEU B 37 -8.44 -16.93 12.02
C LEU B 37 -7.22 -17.35 11.21
N PRO B 38 -7.43 -17.73 9.94
CA PRO B 38 -6.27 -17.86 9.06
C PRO B 38 -5.48 -16.55 9.07
N SER B 39 -4.16 -16.62 8.86
CA SER B 39 -3.33 -15.43 8.90
C SER B 39 -3.72 -14.48 7.77
N GLU B 40 -3.32 -13.21 7.89
CA GLU B 40 -3.62 -12.23 6.85
C GLU B 40 -2.98 -12.63 5.51
N ARG B 41 -1.77 -13.19 5.57
CA ARG B 41 -1.12 -13.65 4.36
C ARG B 41 -1.82 -14.85 3.73
N GLU B 42 -2.36 -15.76 4.56
CA GLU B 42 -3.17 -16.88 4.08
C GLU B 42 -4.40 -16.38 3.32
N TYR B 43 -5.14 -15.44 3.91
CA TYR B 43 -6.30 -14.87 3.25
C TYR B 43 -5.93 -14.20 1.92
N ALA B 44 -4.85 -13.41 1.92
CA ALA B 44 -4.40 -12.69 0.74
C ALA B 44 -4.06 -13.65 -0.39
N GLU B 45 -3.33 -14.69 -0.05
CA GLU B 45 -3.00 -15.74 -1.00
C GLU B 45 -4.25 -16.41 -1.55
N GLN B 46 -5.16 -16.83 -0.68
CA GLN B 46 -6.29 -17.62 -1.14
C GLN B 46 -7.28 -16.77 -1.97
N PHE B 47 -7.45 -15.50 -1.65
CA PHE B 47 -8.30 -14.60 -2.40
C PHE B 47 -7.61 -14.03 -3.63
N GLY B 48 -6.29 -14.17 -3.69
CA GLY B 48 -5.50 -13.55 -4.74
C GLY B 48 -5.55 -12.04 -4.70
N ILE B 49 -5.46 -11.47 -3.50
CA ILE B 49 -5.50 -10.02 -3.34
C ILE B 49 -4.35 -9.51 -2.49
N SER B 50 -4.25 -8.19 -2.33
CA SER B 50 -3.21 -7.61 -1.51
C SER B 50 -3.53 -7.82 -0.03
N ARG B 51 -2.50 -8.01 0.79
CA ARG B 51 -2.71 -8.15 2.24
C ARG B 51 -3.39 -6.93 2.86
N MET B 52 -3.11 -5.72 2.37
CA MET B 52 -3.75 -4.54 2.94
C MET B 52 -5.27 -4.52 2.68
N THR B 53 -5.71 -5.17 1.60
CA THR B 53 -7.12 -5.28 1.29
C THR B 53 -7.81 -6.18 2.33
N VAL B 54 -7.21 -7.34 2.57
CA VAL B 54 -7.58 -8.21 3.69
C VAL B 54 -7.61 -7.43 5.02
N ARG B 55 -6.54 -6.66 5.28
CA ARG B 55 -6.42 -5.92 6.54
C ARG B 55 -7.53 -4.88 6.72
N GLN B 56 -7.97 -4.26 5.63
CA GLN B 56 -9.04 -3.27 5.77
C GLN B 56 -10.28 -3.94 6.36
N ALA B 57 -10.61 -5.13 5.84
CA ALA B 57 -11.74 -5.89 6.34
C ALA B 57 -11.55 -6.26 7.81
N LEU B 58 -10.42 -6.88 8.12
CA LEU B 58 -10.16 -7.34 9.48
C LEU B 58 -10.15 -6.19 10.47
N SER B 59 -9.55 -5.06 10.08
CA SER B 59 -9.50 -3.89 10.95
C SER B 59 -10.88 -3.33 11.28
N ASN B 60 -11.80 -3.40 10.32
CA ASN B 60 -13.15 -2.94 10.57
C ASN B 60 -13.87 -3.89 11.55
N LEU B 61 -13.62 -5.18 11.41
CA LEU B 61 -14.26 -6.19 12.24
C LEU B 61 -13.72 -6.10 13.66
N VAL B 62 -12.45 -5.71 13.76
CA VAL B 62 -11.82 -5.48 15.06
C VAL B 62 -12.48 -4.27 15.70
N ASN B 63 -12.67 -3.21 14.89
CA ASN B 63 -13.30 -1.98 15.35
C ASN B 63 -14.77 -2.17 15.71
N GLU B 64 -15.43 -3.17 15.13
CA GLU B 64 -16.80 -3.47 15.47
C GLU B 64 -16.87 -4.41 16.66
N GLY B 65 -15.71 -4.85 17.12
CA GLY B 65 -15.61 -5.68 18.31
C GLY B 65 -15.80 -7.17 18.07
N LEU B 66 -15.79 -7.58 16.81
CA LEU B 66 -16.11 -8.95 16.44
C LEU B 66 -14.86 -9.82 16.43
N LEU B 67 -13.72 -9.17 16.21
CA LEU B 67 -12.42 -9.84 16.29
C LEU B 67 -11.51 -9.09 17.25
N TYR B 68 -10.43 -9.74 17.67
CA TYR B 68 -9.34 -8.99 18.29
C TYR B 68 -8.02 -9.48 17.75
N ARG B 69 -7.00 -8.62 17.87
CA ARG B 69 -5.66 -8.99 17.44
C ARG B 69 -4.72 -9.12 18.64
N LEU B 70 -3.89 -10.14 18.59
CA LEU B 70 -2.77 -10.26 19.49
C LEU B 70 -1.53 -10.09 18.66
N LYS B 71 -0.79 -9.01 18.92
CA LYS B 71 0.41 -8.73 18.14
C LYS B 71 1.41 -9.87 18.23
N GLY B 72 2.06 -10.13 17.11
CA GLY B 72 3.00 -11.23 17.05
C GLY B 72 2.39 -12.62 17.00
N ARG B 73 1.07 -12.74 17.19
CA ARG B 73 0.48 -14.06 17.35
CA ARG B 73 0.46 -14.06 17.37
C ARG B 73 -0.64 -14.37 16.35
N GLY B 74 -1.67 -13.53 16.32
CA GLY B 74 -2.75 -13.78 15.39
C GLY B 74 -4.01 -12.95 15.58
N THR B 75 -5.03 -13.31 14.81
CA THR B 75 -6.32 -12.64 14.84
C THR B 75 -7.40 -13.63 15.25
N PHE B 76 -8.22 -13.22 16.22
CA PHE B 76 -9.09 -14.11 16.97
C PHE B 76 -10.52 -13.62 16.98
N VAL B 77 -11.45 -14.56 17.02
CA VAL B 77 -12.87 -14.23 17.19
C VAL B 77 -13.15 -13.80 18.62
N SER B 78 -13.79 -12.64 18.79
CA SER B 78 -14.13 -12.16 20.12
C SER B 78 -15.17 -13.05 20.78
N MET C 4 0.38 17.21 -27.12
CA MET C 4 -1.02 16.90 -26.83
C MET C 4 -1.73 18.13 -26.28
N ASN C 5 -2.75 18.59 -26.99
CA ASN C 5 -3.45 19.82 -26.61
C ASN C 5 -4.96 19.66 -26.52
N ILE C 6 -5.56 20.44 -25.63
CA ILE C 6 -7.01 20.46 -25.50
C ILE C 6 -7.49 21.91 -25.60
N ASN C 7 -8.64 22.12 -26.26
CA ASN C 7 -9.22 23.45 -26.43
C ASN C 7 -10.50 23.58 -25.61
N LYS C 8 -10.42 24.36 -24.52
CA LYS C 8 -11.52 24.44 -23.55
C LYS C 8 -12.72 25.26 -24.00
N GLN C 9 -12.61 25.94 -25.13
CA GLN C 9 -13.71 26.77 -25.60
C GLN C 9 -14.35 26.18 -26.87
N SER C 10 -13.86 25.03 -27.30
CA SER C 10 -14.44 24.33 -28.46
C SER C 10 -15.73 23.65 -28.03
N PRO C 11 -16.76 23.70 -28.90
CA PRO C 11 -17.97 22.93 -28.61
C PRO C 11 -17.69 21.43 -28.58
N ILE C 12 -16.57 21.00 -29.15
CA ILE C 12 -16.18 19.60 -29.08
C ILE C 12 -15.82 19.29 -27.63
N PRO C 13 -16.52 18.33 -27.01
CA PRO C 13 -16.26 17.97 -25.61
C PRO C 13 -14.80 17.62 -25.38
N ILE C 14 -14.26 18.09 -24.26
CA ILE C 14 -12.89 17.77 -23.89
C ILE C 14 -12.64 16.27 -23.92
N TYR C 15 -13.56 15.48 -23.37
CA TYR C 15 -13.30 14.03 -23.30
C TYR C 15 -13.13 13.43 -24.70
N TYR C 16 -13.82 14.01 -25.68
CA TYR C 16 -13.74 13.49 -27.02
C TYR C 16 -12.43 13.91 -27.68
N GLN C 17 -12.00 15.16 -27.44
CA GLN C 17 -10.73 15.63 -27.94
C GLN C 17 -9.62 14.70 -27.43
N ILE C 18 -9.69 14.35 -26.15
CA ILE C 18 -8.72 13.45 -25.58
C ILE C 18 -8.74 12.09 -26.29
N MET C 19 -9.93 11.50 -26.46
CA MET C 19 -10.06 10.20 -27.12
C MET C 19 -9.36 10.17 -28.48
N GLU C 20 -9.52 11.24 -29.23
CA GLU C 20 -9.01 11.28 -30.60
C GLU C 20 -7.48 11.39 -30.64
N GLN C 21 -6.92 12.19 -29.75
CA GLN C 21 -5.48 12.29 -29.72
C GLN C 21 -4.87 10.99 -29.19
N LEU C 22 -5.57 10.32 -28.28
CA LEU C 22 -5.06 9.05 -27.73
C LEU C 22 -5.09 7.97 -28.81
N LYS C 23 -6.15 7.98 -29.62
CA LYS C 23 -6.24 7.02 -30.72
C LYS C 23 -5.11 7.23 -31.75
N THR C 24 -4.74 8.49 -31.99
CA THR C 24 -3.62 8.80 -32.86
C THR C 24 -2.33 8.19 -32.29
N GLN C 25 -2.05 8.46 -31.03
CA GLN C 25 -0.85 7.95 -30.38
C GLN C 25 -0.83 6.43 -30.36
N ILE C 26 -2.00 5.80 -30.23
CA ILE C 26 -2.08 4.34 -30.25
C ILE C 26 -1.74 3.82 -31.64
N LYS C 27 -2.21 4.54 -32.65
CA LYS C 27 -2.12 4.08 -34.02
C LYS C 27 -0.68 4.08 -34.55
N ASN C 28 0.11 5.10 -34.18
CA ASN C 28 1.50 5.17 -34.60
C ASN C 28 2.49 4.62 -33.56
N GLY C 29 2.00 4.25 -32.39
CA GLY C 29 2.85 3.63 -31.39
C GLY C 29 3.54 4.54 -30.38
N GLU C 30 3.14 5.81 -30.34
CA GLU C 30 3.62 6.72 -29.28
C GLU C 30 3.20 6.18 -27.91
N LEU C 31 2.06 5.48 -27.90
CA LEU C 31 1.65 4.66 -26.77
C LEU C 31 1.82 3.21 -27.16
N GLN C 32 2.86 2.56 -26.66
CA GLN C 32 3.17 1.19 -27.06
C GLN C 32 2.24 0.19 -26.38
N PRO C 33 1.89 -0.91 -27.09
CA PRO C 33 0.94 -1.88 -26.54
C PRO C 33 1.46 -2.51 -25.26
N ASP C 34 0.56 -2.81 -24.33
CA ASP C 34 0.90 -3.38 -23.03
C ASP C 34 1.88 -2.52 -22.23
N MET C 35 1.99 -1.24 -22.56
CA MET C 35 2.75 -0.29 -21.75
C MET C 35 1.80 0.73 -21.15
N PRO C 36 2.05 1.17 -19.90
CA PRO C 36 1.10 2.06 -19.22
C PRO C 36 1.03 3.44 -19.83
N LEU C 37 -0.19 3.98 -19.91
CA LEU C 37 -0.37 5.38 -20.24
C LEU C 37 0.08 6.25 -19.09
N PRO C 38 0.24 7.56 -19.36
CA PRO C 38 0.29 8.51 -18.25
C PRO C 38 -0.93 8.30 -17.36
N SER C 39 -0.76 8.56 -16.07
CA SER C 39 -1.85 8.36 -15.13
C SER C 39 -3.00 9.30 -15.44
N GLU C 40 -4.19 8.89 -15.01
CA GLU C 40 -5.39 9.71 -15.11
C GLU C 40 -5.03 11.05 -14.47
N ARG C 41 -4.30 11.00 -13.37
N ARG C 41 -4.30 10.98 -13.36
CA ARG C 41 -3.84 12.19 -12.68
CA ARG C 41 -3.78 12.15 -12.65
C ARG C 41 -2.98 13.09 -13.58
C ARG C 41 -2.98 13.07 -13.56
N GLU C 42 -2.02 12.50 -14.28
CA GLU C 42 -1.11 13.27 -15.14
C GLU C 42 -1.88 14.03 -16.23
N TYR C 43 -2.82 13.35 -16.87
CA TYR C 43 -3.64 13.99 -17.90
C TYR C 43 -4.45 15.15 -17.32
N ALA C 44 -5.05 14.91 -16.15
CA ALA C 44 -5.91 15.90 -15.54
C ALA C 44 -5.13 17.14 -15.19
N GLU C 45 -3.99 16.94 -14.54
CA GLU C 45 -3.18 18.06 -14.11
C GLU C 45 -2.56 18.81 -15.30
N GLN C 46 -2.13 18.08 -16.34
CA GLN C 46 -1.55 18.75 -17.50
C GLN C 46 -2.58 19.62 -18.23
N PHE C 47 -3.80 19.11 -18.37
CA PHE C 47 -4.84 19.83 -19.09
C PHE C 47 -5.56 20.84 -18.20
N GLY C 48 -5.41 20.70 -16.89
CA GLY C 48 -6.11 21.56 -15.95
C GLY C 48 -7.61 21.22 -15.93
N ILE C 49 -7.92 19.93 -15.98
CA ILE C 49 -9.31 19.47 -15.96
C ILE C 49 -9.55 18.43 -14.87
N SER C 50 -10.83 18.10 -14.67
CA SER C 50 -11.26 17.07 -13.73
C SER C 50 -10.75 15.69 -14.11
N ARG C 51 -10.46 14.84 -13.14
CA ARG C 51 -10.16 13.45 -13.44
C ARG C 51 -11.37 12.75 -14.02
N MET C 52 -12.54 13.21 -13.61
CA MET C 52 -13.80 12.70 -14.13
C MET C 52 -13.81 12.82 -15.67
N THR C 53 -13.38 13.96 -16.18
CA THR C 53 -13.35 14.16 -17.62
C THR C 53 -12.37 13.22 -18.31
N VAL C 54 -11.20 13.01 -17.70
CA VAL C 54 -10.23 12.07 -18.26
C VAL C 54 -10.81 10.67 -18.26
N ARG C 55 -11.49 10.31 -17.17
CA ARG C 55 -12.02 8.97 -17.06
C ARG C 55 -13.08 8.71 -18.14
N GLN C 56 -13.88 9.71 -18.48
CA GLN C 56 -14.86 9.48 -19.53
C GLN C 56 -14.16 9.09 -20.83
N ALA C 57 -13.09 9.80 -21.17
CA ALA C 57 -12.32 9.47 -22.36
C ALA C 57 -11.77 8.06 -22.25
N LEU C 58 -11.10 7.78 -21.13
CA LEU C 58 -10.43 6.49 -20.98
C LEU C 58 -11.41 5.33 -20.93
N SER C 59 -12.51 5.50 -20.19
CA SER C 59 -13.55 4.48 -20.13
C SER C 59 -14.13 4.18 -21.51
N ASN C 60 -14.26 5.21 -22.34
CA ASN C 60 -14.76 5.01 -23.69
C ASN C 60 -13.79 4.11 -24.48
N LEU C 61 -12.49 4.37 -24.35
CA LEU C 61 -11.50 3.58 -25.07
C LEU C 61 -11.46 2.14 -24.54
N VAL C 62 -11.71 1.98 -23.24
CA VAL C 62 -11.75 0.64 -22.64
C VAL C 62 -12.92 -0.13 -23.25
N ASN C 63 -14.06 0.54 -23.38
CA ASN C 63 -15.24 -0.07 -23.94
C ASN C 63 -15.07 -0.41 -25.43
N GLU C 64 -14.20 0.32 -26.12
CA GLU C 64 -13.93 0.05 -27.54
C GLU C 64 -12.79 -0.96 -27.69
N GLY C 65 -12.27 -1.43 -26.57
CA GLY C 65 -11.30 -2.51 -26.57
C GLY C 65 -9.90 -2.09 -26.92
N LEU C 66 -9.66 -0.79 -26.95
CA LEU C 66 -8.34 -0.26 -27.25
C LEU C 66 -7.44 -0.25 -26.01
N LEU C 67 -8.04 -0.05 -24.84
CA LEU C 67 -7.28 -0.01 -23.58
C LEU C 67 -7.86 -1.00 -22.60
N TYR C 68 -7.05 -1.38 -21.61
CA TYR C 68 -7.58 -2.12 -20.48
C TYR C 68 -7.02 -1.53 -19.19
N ARG C 69 -7.68 -1.84 -18.08
CA ARG C 69 -7.25 -1.33 -16.79
C ARG C 69 -6.93 -2.47 -15.86
N LEU C 70 -5.88 -2.28 -15.06
CA LEU C 70 -5.57 -3.16 -13.95
C LEU C 70 -5.57 -2.31 -12.69
N LYS C 71 -6.52 -2.59 -11.81
CA LYS C 71 -6.72 -1.85 -10.59
C LYS C 71 -5.42 -1.79 -9.76
N GLY C 72 -5.09 -0.61 -9.24
CA GLY C 72 -3.89 -0.42 -8.41
C GLY C 72 -2.56 -0.36 -9.15
N ARG C 73 -2.59 -0.42 -10.48
CA ARG C 73 -1.35 -0.50 -11.27
C ARG C 73 -1.30 0.44 -12.48
N GLY C 74 -2.36 0.45 -13.28
CA GLY C 74 -2.39 1.38 -14.40
C GLY C 74 -3.41 1.15 -15.49
N THR C 75 -3.23 1.91 -16.57
CA THR C 75 -4.05 1.79 -17.77
C THR C 75 -3.13 1.45 -18.92
N PHE C 76 -3.46 0.39 -19.64
CA PHE C 76 -2.58 -0.13 -20.67
C PHE C 76 -3.26 -0.22 -22.02
N VAL C 77 -2.45 -0.20 -23.07
CA VAL C 77 -2.92 -0.45 -24.42
C VAL C 77 -3.08 -1.95 -24.63
N SER C 78 -4.26 -2.38 -25.09
CA SER C 78 -4.51 -3.79 -25.37
C SER C 78 -3.53 -4.33 -26.42
N ASN D 5 8.97 18.74 12.22
CA ASN D 5 7.59 18.28 12.04
C ASN D 5 7.44 16.77 12.30
N ILE D 6 8.10 15.93 11.49
CA ILE D 6 8.21 14.51 11.85
C ILE D 6 9.65 14.03 11.75
N ASN D 7 9.92 12.85 12.32
CA ASN D 7 11.23 12.23 12.22
C ASN D 7 11.06 10.81 11.68
N LYS D 8 11.34 10.64 10.39
CA LYS D 8 11.14 9.35 9.72
C LYS D 8 12.12 8.29 10.19
N GLN D 9 13.11 8.69 11.00
CA GLN D 9 14.11 7.73 11.45
C GLN D 9 13.82 7.25 12.86
N SER D 10 12.83 7.84 13.50
CA SER D 10 12.41 7.45 14.84
C SER D 10 11.74 6.06 14.83
N PRO D 11 11.87 5.30 15.94
CA PRO D 11 11.07 4.09 16.10
C PRO D 11 9.59 4.41 16.28
N ILE D 12 9.27 5.65 16.66
CA ILE D 12 7.88 6.06 16.75
C ILE D 12 7.28 6.16 15.35
N PRO D 13 6.22 5.37 15.06
CA PRO D 13 5.60 5.34 13.73
C PRO D 13 5.22 6.72 13.25
N ILE D 14 5.56 7.02 12.00
CA ILE D 14 5.19 8.28 11.36
C ILE D 14 3.72 8.65 11.56
N TYR D 15 2.80 7.71 11.37
CA TYR D 15 1.37 8.07 11.45
C TYR D 15 1.03 8.58 12.84
N TYR D 16 1.68 8.01 13.85
CA TYR D 16 1.42 8.41 15.21
C TYR D 16 1.98 9.81 15.47
N GLN D 17 3.16 10.08 14.95
CA GLN D 17 3.78 11.39 15.07
C GLN D 17 2.85 12.45 14.45
N ILE D 18 2.22 12.10 13.35
CA ILE D 18 1.33 13.04 12.67
C ILE D 18 0.10 13.25 13.54
N MET D 19 -0.44 12.16 14.08
CA MET D 19 -1.60 12.25 14.98
C MET D 19 -1.38 13.26 16.10
N GLU D 20 -0.23 13.16 16.77
CA GLU D 20 0.08 14.02 17.91
C GLU D 20 0.32 15.47 17.50
N GLN D 21 0.96 15.67 16.35
CA GLN D 21 1.17 17.00 15.82
C GLN D 21 -0.17 17.68 15.56
N LEU D 22 -1.10 16.91 15.02
CA LEU D 22 -2.40 17.45 14.67
C LEU D 22 -3.23 17.71 15.91
N LYS D 23 -3.22 16.75 16.83
CA LYS D 23 -3.87 16.94 18.13
C LYS D 23 -3.38 18.23 18.78
N THR D 24 -2.09 18.45 18.71
CA THR D 24 -1.47 19.64 19.27
C THR D 24 -2.00 20.90 18.59
N GLN D 25 -2.15 20.84 17.26
CA GLN D 25 -2.63 21.97 16.48
C GLN D 25 -4.12 22.27 16.69
N ILE D 26 -4.87 21.27 17.13
CA ILE D 26 -6.29 21.46 17.37
C ILE D 26 -6.51 22.18 18.71
N LYS D 27 -5.71 21.82 19.71
CA LYS D 27 -5.81 22.45 21.03
C LYS D 27 -5.49 23.94 21.01
N ASN D 28 -4.31 24.30 20.53
CA ASN D 28 -3.90 25.70 20.52
C ASN D 28 -4.58 26.53 19.42
N GLY D 29 -5.68 26.01 18.90
CA GLY D 29 -6.51 26.77 17.98
C GLY D 29 -5.86 27.10 16.66
N GLU D 30 -4.73 26.46 16.38
CA GLU D 30 -4.11 26.58 15.08
C GLU D 30 -5.04 25.93 14.07
N LEU D 31 -5.78 24.94 14.56
CA LEU D 31 -6.84 24.26 13.81
C LEU D 31 -8.13 24.33 14.63
N GLN D 32 -9.16 24.92 14.04
CA GLN D 32 -10.40 25.16 14.77
C GLN D 32 -11.56 24.45 14.08
N PRO D 33 -12.65 24.16 14.82
CA PRO D 33 -13.82 23.46 14.28
C PRO D 33 -14.20 23.87 12.86
N ASP D 34 -14.42 22.86 12.03
CA ASP D 34 -14.94 22.99 10.66
C ASP D 34 -13.98 23.61 9.65
N MET D 35 -12.77 23.99 10.05
CA MET D 35 -11.82 24.48 9.04
C MET D 35 -11.19 23.27 8.34
N PRO D 36 -10.84 23.42 7.05
CA PRO D 36 -10.29 22.30 6.28
C PRO D 36 -8.80 22.08 6.48
N LEU D 37 -8.40 20.82 6.55
CA LEU D 37 -6.99 20.46 6.58
C LEU D 37 -6.46 20.44 5.16
N PRO D 38 -5.14 20.51 5.01
CA PRO D 38 -4.52 20.25 3.71
C PRO D 38 -4.96 18.89 3.22
N SER D 39 -4.94 18.68 1.91
CA SER D 39 -5.36 17.42 1.36
C SER D 39 -4.42 16.30 1.79
N GLU D 40 -4.90 15.06 1.73
CA GLU D 40 -4.02 13.91 1.99
C GLU D 40 -2.77 13.97 1.10
N ARG D 41 -2.97 14.33 -0.17
CA ARG D 41 -1.85 14.40 -1.11
C ARG D 41 -0.86 15.53 -0.78
N GLU D 42 -1.38 16.65 -0.26
CA GLU D 42 -0.57 17.78 0.21
C GLU D 42 0.36 17.34 1.35
N TYR D 43 -0.25 16.66 2.32
CA TYR D 43 0.47 16.16 3.48
C TYR D 43 1.57 15.21 3.09
N ALA D 44 1.26 14.28 2.20
CA ALA D 44 2.21 13.27 1.76
C ALA D 44 3.40 13.89 1.03
N GLU D 45 3.12 14.95 0.28
CA GLU D 45 4.16 15.70 -0.42
C GLU D 45 4.96 16.55 0.55
N GLN D 46 4.28 17.17 1.51
CA GLN D 46 4.91 17.98 2.54
C GLN D 46 5.93 17.19 3.36
N PHE D 47 5.61 15.91 3.62
CA PHE D 47 6.42 15.07 4.50
C PHE D 47 7.34 14.13 3.74
N GLY D 48 7.14 14.05 2.43
CA GLY D 48 7.88 13.08 1.63
C GLY D 48 7.57 11.67 2.10
N ILE D 49 6.29 11.41 2.37
CA ILE D 49 5.84 10.06 2.72
C ILE D 49 4.66 9.59 1.86
N SER D 50 4.27 8.34 2.05
CA SER D 50 3.17 7.77 1.29
C SER D 50 1.84 8.29 1.77
N ARG D 51 0.90 8.45 0.84
CA ARG D 51 -0.43 8.92 1.18
C ARG D 51 -1.14 8.00 2.19
N MET D 52 -0.93 6.68 2.07
CA MET D 52 -1.56 5.77 3.04
C MET D 52 -1.01 5.98 4.46
N THR D 53 0.23 6.44 4.57
CA THR D 53 0.85 6.72 5.86
C THR D 53 0.12 7.90 6.50
N VAL D 54 -0.14 8.93 5.68
CA VAL D 54 -1.00 10.02 6.11
C VAL D 54 -2.41 9.55 6.49
N ARG D 55 -2.96 8.68 5.67
CA ARG D 55 -4.33 8.22 5.88
C ARG D 55 -4.49 7.48 7.21
N GLN D 56 -3.47 6.75 7.65
CA GLN D 56 -3.60 5.98 8.88
C GLN D 56 -3.81 6.96 10.04
N ALA D 57 -3.04 8.04 10.04
CA ALA D 57 -3.20 9.08 11.05
C ALA D 57 -4.59 9.72 10.96
N LEU D 58 -5.00 10.13 9.77
CA LEU D 58 -6.29 10.83 9.64
C LEU D 58 -7.48 9.93 9.98
N SER D 59 -7.44 8.68 9.55
CA SER D 59 -8.52 7.74 9.87
C SER D 59 -8.64 7.49 11.37
N ASN D 60 -7.50 7.44 12.07
CA ASN D 60 -7.54 7.27 13.51
C ASN D 60 -8.16 8.48 14.20
N LEU D 61 -7.82 9.68 13.72
CA LEU D 61 -8.42 10.91 14.28
C LEU D 61 -9.91 10.98 13.95
N VAL D 62 -10.28 10.54 12.76
CA VAL D 62 -11.68 10.45 12.38
C VAL D 62 -12.41 9.49 13.31
N ASN D 63 -11.82 8.32 13.53
CA ASN D 63 -12.43 7.30 14.38
C ASN D 63 -12.51 7.77 15.83
N GLU D 64 -11.64 8.68 16.22
CA GLU D 64 -11.63 9.22 17.57
C GLU D 64 -12.59 10.41 17.67
N GLY D 65 -13.17 10.80 16.53
CA GLY D 65 -14.13 11.88 16.49
C GLY D 65 -13.52 13.27 16.47
N LEU D 66 -12.20 13.35 16.28
CA LEU D 66 -11.52 14.65 16.26
C LEU D 66 -11.58 15.32 14.88
N LEU D 67 -11.70 14.52 13.84
CA LEU D 67 -11.85 15.02 12.48
C LEU D 67 -13.10 14.41 11.85
N TYR D 68 -13.56 14.99 10.75
CA TYR D 68 -14.57 14.33 9.94
C TYR D 68 -14.26 14.53 8.47
N ARG D 69 -14.73 13.60 7.65
CA ARG D 69 -14.49 13.70 6.23
C ARG D 69 -15.78 13.92 5.48
N LEU D 70 -15.68 14.69 4.41
CA LEU D 70 -16.74 14.77 3.44
C LEU D 70 -16.22 14.12 2.16
N LYS D 71 -16.77 12.96 1.83
CA LYS D 71 -16.43 12.21 0.62
C LYS D 71 -16.41 13.10 -0.61
N GLY D 72 -15.26 13.16 -1.27
CA GLY D 72 -15.17 13.89 -2.51
C GLY D 72 -14.76 15.34 -2.39
N ARG D 73 -14.54 15.80 -1.15
CA ARG D 73 -14.35 17.22 -0.90
C ARG D 73 -13.17 17.56 0.00
N GLY D 74 -13.04 16.88 1.14
CA GLY D 74 -11.94 17.19 2.05
C GLY D 74 -12.07 16.68 3.47
N THR D 75 -11.12 17.07 4.31
CA THR D 75 -11.06 16.65 5.71
C THR D 75 -11.09 17.89 6.64
N PHE D 76 -11.90 17.82 7.70
CA PHE D 76 -12.15 19.00 8.52
C PHE D 76 -12.07 18.72 10.02
N VAL D 77 -11.80 19.75 10.81
CA VAL D 77 -11.77 19.62 12.27
C VAL D 77 -13.17 19.53 12.86
N SER D 78 -13.39 18.55 13.73
CA SER D 78 -14.70 18.35 14.34
C SER D 78 -14.97 19.43 15.38
CL CL G . 5.93 -10.24 4.37
CL CL H . -3.67 9.86 -7.25
#